data_4ODR
#
_entry.id   4ODR
#
_cell.length_a   72.500
_cell.length_b   72.500
_cell.length_c   178.960
_cell.angle_alpha   90.00
_cell.angle_beta   90.00
_cell.angle_gamma   90.00
#
_symmetry.space_group_name_H-M   'P 43 21 2'
#
loop_
_entity.id
_entity.type
_entity.pdbx_description
1 polymer 'Peptidyl-prolyl cis-trans isomerase SlyD, Peptidyl-prolyl cis-trans isomerase FKBP1A chimera'
2 non-polymer 8-DEETHYL-8-[BUT-3-ENYL]-ASCOMYCIN
3 non-polymer 'ZINC ION'
4 non-polymer 'CHLORIDE ION'
5 non-polymer GLYCEROL
6 non-polymer 'ACETATE ION'
7 water water
#
_entity_poly.entity_id   1
_entity_poly.type   'polypeptide(L)'
_entity_poly.pdbx_seq_one_letter_code
;MKVGQDKVVTIRYTLQVEGEVLDQGELSYLHGHRNLIPGLEEALEGREEGEAFQAHVPAEKAYGATGHPGIIPPHATLDF
QVEVVKVREATPEELLHGHAHPSGHHHHHH
;
_entity_poly.pdbx_strand_id   A,B
#
# COMPACT_ATOMS: atom_id res chain seq x y z
N MET A 1 -3.00 -20.37 -11.26
CA MET A 1 -1.58 -20.47 -11.60
C MET A 1 -0.74 -20.20 -10.35
N LYS A 2 0.51 -20.64 -10.38
CA LYS A 2 1.39 -20.56 -9.22
C LYS A 2 2.11 -19.24 -9.07
N VAL A 3 2.33 -18.86 -7.83
CA VAL A 3 3.21 -17.75 -7.52
C VAL A 3 4.62 -18.05 -8.01
N GLY A 4 5.24 -17.08 -8.68
CA GLY A 4 6.60 -17.22 -9.13
C GLY A 4 7.07 -15.95 -9.81
N GLN A 5 8.29 -15.97 -10.33
CA GLN A 5 8.90 -14.84 -11.02
C GLN A 5 7.98 -14.17 -12.03
N ASP A 6 7.87 -12.85 -11.93
CA ASP A 6 7.13 -12.02 -12.89
C ASP A 6 5.62 -12.22 -12.85
N LYS A 7 5.13 -12.84 -11.79
CA LYS A 7 3.69 -12.87 -11.57
C LYS A 7 3.30 -11.69 -10.69
N VAL A 8 2.13 -11.10 -10.95
CA VAL A 8 1.56 -10.14 -10.01
C VAL A 8 0.64 -10.89 -9.07
N VAL A 9 0.94 -10.80 -7.78
CA VAL A 9 0.31 -11.65 -6.77
C VAL A 9 -0.43 -10.79 -5.76
N THR A 10 -1.68 -11.16 -5.46
CA THR A 10 -2.44 -10.47 -4.43
C THR A 10 -2.52 -11.36 -3.19
N ILE A 11 -2.11 -10.82 -2.04
CA ILE A 11 -2.17 -11.57 -0.80
C ILE A 11 -2.91 -10.85 0.31
N ARG A 12 -3.63 -11.61 1.13
CA ARG A 12 -4.10 -11.12 2.42
C ARG A 12 -3.15 -11.63 3.48
N TYR A 13 -2.78 -10.79 4.44
CA TYR A 13 -1.81 -11.21 5.45
C TYR A 13 -2.19 -10.71 6.83
N THR A 14 -1.77 -11.49 7.83
CA THR A 14 -1.74 -11.03 9.21
C THR A 14 -0.33 -11.21 9.72
N LEU A 15 0.22 -10.18 10.35
CA LEU A 15 1.57 -10.24 10.90
C LEU A 15 1.53 -10.26 12.43
N GLN A 16 2.17 -11.26 13.02
CA GLN A 16 2.33 -11.32 14.47
C GLN A 16 3.80 -11.43 14.84
N VAL A 17 4.16 -10.79 15.94
CA VAL A 17 5.47 -11.00 16.55
C VAL A 17 5.26 -11.35 18.01
N GLU A 18 5.75 -12.53 18.40
CA GLU A 18 5.60 -13.03 19.76
CA GLU A 18 5.58 -13.04 19.76
C GLU A 18 4.13 -13.07 20.18
N GLY A 19 3.26 -13.54 19.29
CA GLY A 19 1.85 -13.70 19.58
C GLY A 19 1.01 -12.44 19.58
N GLU A 20 1.62 -11.31 19.22
CA GLU A 20 0.90 -10.04 19.14
C GLU A 20 0.73 -9.59 17.69
N VAL A 21 -0.52 -9.31 17.30
CA VAL A 21 -0.79 -8.84 15.95
C VAL A 21 -0.24 -7.42 15.79
N LEU A 22 0.61 -7.22 14.78
CA LEU A 22 1.18 -5.90 14.52
C LEU A 22 0.57 -5.27 13.28
N ASP A 23 0.07 -6.09 12.38
CA ASP A 23 -0.51 -5.59 11.15
C ASP A 23 -1.37 -6.64 10.48
N GLN A 24 -2.33 -6.17 9.68
CA GLN A 24 -3.18 -7.04 8.89
C GLN A 24 -3.65 -6.25 7.68
N GLY A 25 -3.73 -6.90 6.53
CA GLY A 25 -4.20 -6.22 5.35
C GLY A 25 -4.08 -7.02 4.07
N GLU A 26 -4.05 -6.30 2.96
CA GLU A 26 -4.06 -6.93 1.65
C GLU A 26 -3.21 -6.10 0.72
N LEU A 27 -2.46 -6.76 -0.16
CA LEU A 27 -1.64 -6.02 -1.12
C LEU A 27 -1.36 -6.85 -2.34
N SER A 28 -1.03 -6.16 -3.43
CA SER A 28 -0.58 -6.82 -4.65
C SER A 28 0.85 -6.38 -4.89
N TYR A 29 1.68 -7.31 -5.36
CA TYR A 29 3.09 -7.03 -5.58
C TYR A 29 3.55 -7.79 -6.80
N LEU A 30 4.66 -7.36 -7.37
CA LEU A 30 5.28 -8.08 -8.49
C LEU A 30 6.36 -8.99 -7.93
N HIS A 31 6.20 -10.30 -8.14
CA HIS A 31 7.11 -11.28 -7.55
C HIS A 31 8.43 -11.37 -8.30
N GLY A 32 9.53 -11.45 -7.54
CA GLY A 32 10.85 -11.66 -8.12
C GLY A 32 11.55 -10.35 -8.45
N HIS A 33 11.07 -9.26 -7.88
CA HIS A 33 11.63 -7.93 -8.13
C HIS A 33 11.88 -7.17 -6.84
N ARG A 34 12.18 -7.90 -5.77
CA ARG A 34 12.51 -7.33 -4.47
C ARG A 34 11.44 -6.39 -3.90
N ASN A 35 10.18 -6.65 -4.23
CA ASN A 35 9.06 -5.91 -3.65
C ASN A 35 8.88 -6.20 -2.16
N LEU A 36 9.07 -7.45 -1.76
CA LEU A 36 8.85 -7.86 -0.38
C LEU A 36 10.13 -8.28 0.33
N ILE A 37 10.08 -8.39 1.64
CA ILE A 37 11.18 -8.99 2.39
C ILE A 37 11.44 -10.38 1.83
N PRO A 38 12.71 -10.75 1.65
CA PRO A 38 13.10 -11.98 0.96
C PRO A 38 12.51 -13.24 1.59
N GLY A 39 12.45 -13.30 2.92
CA GLY A 39 11.94 -14.47 3.61
C GLY A 39 10.49 -14.79 3.27
N LEU A 40 9.66 -13.77 3.07
CA LEU A 40 8.28 -14.04 2.72
C LEU A 40 8.14 -14.39 1.23
N GLU A 41 8.93 -13.75 0.36
CA GLU A 41 8.89 -14.12 -1.05
C GLU A 41 9.33 -15.57 -1.24
N GLU A 42 10.30 -16.01 -0.45
CA GLU A 42 10.74 -17.40 -0.51
C GLU A 42 9.61 -18.35 -0.12
N ALA A 43 8.90 -18.01 0.96
CA ALA A 43 7.79 -18.84 1.45
C ALA A 43 6.59 -18.82 0.49
N LEU A 44 6.53 -17.80 -0.37
CA LEU A 44 5.45 -17.66 -1.33
C LEU A 44 5.71 -18.44 -2.63
N GLU A 45 6.94 -18.91 -2.83
CA GLU A 45 7.27 -19.61 -4.08
C GLU A 45 6.38 -20.82 -4.35
N GLY A 46 5.81 -20.87 -5.55
CA GLY A 46 5.05 -22.05 -5.96
C GLY A 46 3.70 -22.22 -5.29
N ARG A 47 3.27 -21.23 -4.52
CA ARG A 47 1.95 -21.27 -3.87
C ARG A 47 0.86 -21.16 -4.93
N GLU A 48 -0.27 -21.83 -4.70
CA GLU A 48 -1.40 -21.78 -5.63
C GLU A 48 -2.33 -20.62 -5.32
N GLU A 49 -3.04 -20.13 -6.34
CA GLU A 49 -4.10 -19.17 -6.09
CA GLU A 49 -4.12 -19.18 -6.11
C GLU A 49 -5.11 -19.81 -5.13
N GLY A 50 -5.44 -19.09 -4.07
CA GLY A 50 -6.39 -19.61 -3.10
C GLY A 50 -5.74 -20.32 -1.93
N GLU A 51 -4.42 -20.49 -1.97
CA GLU A 51 -3.76 -21.26 -0.93
C GLU A 51 -3.49 -20.41 0.32
N ALA A 52 -3.78 -20.99 1.48
CA ALA A 52 -3.49 -20.34 2.75
C ALA A 52 -2.33 -21.07 3.44
N PHE A 53 -1.45 -20.32 4.08
CA PHE A 53 -0.29 -20.95 4.73
C PHE A 53 0.28 -20.03 5.80
N GLN A 54 1.20 -20.55 6.60
CA GLN A 54 1.92 -19.75 7.59
C GLN A 54 3.39 -19.67 7.23
N ALA A 55 3.99 -18.51 7.47
CA ALA A 55 5.42 -18.35 7.29
C ALA A 55 6.04 -17.77 8.55
N HIS A 56 7.14 -18.38 9.00
CA HIS A 56 7.87 -17.87 10.14
C HIS A 56 9.21 -17.38 9.63
N VAL A 57 9.37 -16.06 9.56
CA VAL A 57 10.52 -15.46 8.90
C VAL A 57 11.52 -14.95 9.91
N PRO A 58 12.74 -15.50 9.90
CA PRO A 58 13.78 -15.02 10.81
C PRO A 58 14.24 -13.62 10.42
N ALA A 59 14.74 -12.86 11.39
CA ALA A 59 15.07 -11.45 11.19
C ALA A 59 16.04 -11.24 10.04
N GLU A 60 16.99 -12.16 9.88
CA GLU A 60 17.98 -12.08 8.82
C GLU A 60 17.35 -12.04 7.43
N LYS A 61 16.15 -12.59 7.31
CA LYS A 61 15.40 -12.57 6.06
C LYS A 61 14.26 -11.55 6.10
N ALA A 62 14.28 -10.68 7.10
CA ALA A 62 13.27 -9.65 7.22
C ALA A 62 13.91 -8.31 7.57
N TYR A 63 13.64 -7.79 8.76
CA TYR A 63 14.10 -6.44 9.11
C TYR A 63 15.38 -6.41 9.94
N GLY A 64 15.97 -7.58 10.18
CA GLY A 64 17.29 -7.66 10.77
C GLY A 64 17.48 -7.04 12.13
N ALA A 65 18.69 -6.58 12.40
CA ALA A 65 19.06 -6.03 13.69
C ALA A 65 18.32 -4.72 13.98
N THR A 66 18.06 -3.95 12.93
CA THR A 66 17.43 -2.64 13.06
C THR A 66 15.94 -2.76 13.38
N GLY A 67 15.28 -3.71 12.71
CA GLY A 67 13.84 -3.79 12.74
C GLY A 67 13.30 -2.61 11.95
N HIS A 68 12.05 -2.23 12.23
CA HIS A 68 11.46 -1.02 11.67
C HIS A 68 10.82 -0.27 12.83
N PRO A 69 11.55 0.67 13.44
CA PRO A 69 11.12 1.35 14.65
C PRO A 69 9.69 1.90 14.51
N GLY A 70 8.87 1.68 15.53
CA GLY A 70 7.47 2.05 15.47
C GLY A 70 6.58 0.89 15.07
N ILE A 71 7.18 -0.15 14.48
CA ILE A 71 6.42 -1.34 14.07
C ILE A 71 7.10 -2.66 14.47
N ILE A 72 8.30 -2.88 13.94
CA ILE A 72 9.01 -4.15 14.12
C ILE A 72 10.21 -3.94 15.02
N PRO A 73 10.28 -4.69 16.14
CA PRO A 73 11.43 -4.57 17.04
C PRO A 73 12.69 -5.20 16.44
N PRO A 74 13.86 -4.86 16.99
CA PRO A 74 15.12 -5.48 16.57
C PRO A 74 15.09 -7.01 16.67
N HIS A 75 15.72 -7.68 15.71
CA HIS A 75 15.91 -9.13 15.75
C HIS A 75 14.60 -9.89 15.84
N ALA A 76 13.55 -9.37 15.22
CA ALA A 76 12.23 -9.98 15.31
C ALA A 76 12.03 -11.12 14.33
N THR A 77 11.48 -12.23 14.82
CA THR A 77 10.97 -13.28 13.96
C THR A 77 9.52 -12.94 13.59
N LEU A 78 9.22 -12.93 12.31
CA LEU A 78 7.90 -12.52 11.87
C LEU A 78 7.04 -13.73 11.57
N ASP A 79 5.88 -13.80 12.22
CA ASP A 79 4.94 -14.88 11.97
C ASP A 79 3.78 -14.39 11.12
N PHE A 80 3.77 -14.83 9.86
CA PHE A 80 2.75 -14.43 8.91
C PHE A 80 1.70 -15.50 8.70
N GLN A 81 0.44 -15.07 8.69
CA GLN A 81 -0.64 -15.89 8.15
CA GLN A 81 -0.65 -15.89 8.16
C GLN A 81 -1.01 -15.30 6.80
N VAL A 82 -0.90 -16.11 5.75
CA VAL A 82 -1.07 -15.59 4.40
C VAL A 82 -2.14 -16.32 3.61
N GLU A 83 -2.92 -15.56 2.84
CA GLU A 83 -3.79 -16.16 1.83
C GLU A 83 -3.44 -15.58 0.47
N VAL A 84 -3.19 -16.45 -0.50
CA VAL A 84 -2.93 -16.03 -1.86
C VAL A 84 -4.28 -15.84 -2.56
N VAL A 85 -4.66 -14.59 -2.79
CA VAL A 85 -5.97 -14.28 -3.32
C VAL A 85 -6.02 -14.41 -4.84
N LYS A 86 -4.97 -13.94 -5.51
CA LYS A 86 -4.98 -13.89 -6.96
C LYS A 86 -3.55 -13.94 -7.50
N VAL A 87 -3.39 -14.63 -8.63
CA VAL A 87 -2.11 -14.64 -9.34
C VAL A 87 -2.37 -14.42 -10.82
N ARG A 88 -1.67 -13.47 -11.42
CA ARG A 88 -1.81 -13.22 -12.85
C ARG A 88 -0.44 -12.89 -13.44
N GLU A 89 -0.34 -12.90 -14.76
CA GLU A 89 0.87 -12.44 -15.43
C GLU A 89 1.02 -10.94 -15.30
N ALA A 90 2.26 -10.46 -15.19
CA ALA A 90 2.54 -9.03 -15.19
C ALA A 90 2.44 -8.48 -16.61
N THR A 91 1.98 -7.23 -16.73
CA THR A 91 1.98 -6.54 -18.02
C THR A 91 3.40 -6.05 -18.34
N PRO A 92 3.64 -5.68 -19.61
CA PRO A 92 4.94 -5.13 -19.99
C PRO A 92 5.36 -3.91 -19.16
N GLU A 93 4.42 -3.04 -18.81
CA GLU A 93 4.79 -1.84 -18.05
C GLU A 93 5.08 -2.18 -16.60
N GLU A 94 4.38 -3.16 -16.05
CA GLU A 94 4.66 -3.63 -14.70
C GLU A 94 6.08 -4.20 -14.61
N LEU A 95 6.45 -4.99 -15.62
CA LEU A 95 7.80 -5.55 -15.68
C LEU A 95 8.86 -4.48 -15.82
N LEU A 96 8.58 -3.46 -16.65
CA LEU A 96 9.52 -2.37 -16.83
CA LEU A 96 9.52 -2.36 -16.83
C LEU A 96 9.71 -1.59 -15.53
N HIS A 97 8.62 -1.33 -14.82
CA HIS A 97 8.66 -0.57 -13.59
C HIS A 97 9.11 -1.37 -12.38
N GLY A 98 9.04 -2.69 -12.49
CA GLY A 98 9.36 -3.57 -11.39
C GLY A 98 8.36 -3.49 -10.24
N HIS A 99 7.09 -3.19 -10.55
CA HIS A 99 6.07 -3.18 -9.51
C HIS A 99 4.68 -3.48 -10.07
N ALA A 100 3.73 -3.71 -9.18
CA ALA A 100 2.36 -4.02 -9.58
C ALA A 100 1.54 -2.77 -9.86
N HIS A 101 0.64 -2.89 -10.83
CA HIS A 101 -0.31 -1.85 -11.19
C HIS A 101 -1.72 -2.31 -10.83
N PRO A 102 -2.62 -1.38 -10.53
CA PRO A 102 -3.98 -1.83 -10.22
C PRO A 102 -4.69 -2.38 -11.45
N SER A 103 -5.72 -3.20 -11.23
CA SER A 103 -6.52 -3.73 -12.33
C SER A 103 -7.84 -2.96 -12.46
N GLY A 104 -8.34 -2.45 -11.33
CA GLY A 104 -9.56 -1.67 -11.33
C GLY A 104 -10.59 -2.15 -10.32
N MET B 1 -11.53 15.25 14.11
CA MET B 1 -10.22 15.83 13.86
C MET B 1 -10.07 16.17 12.37
N LYS B 2 -9.47 17.31 12.08
CA LYS B 2 -9.31 17.78 10.71
C LYS B 2 -8.00 17.31 10.07
N VAL B 3 -8.08 17.00 8.78
CA VAL B 3 -6.89 16.75 7.98
C VAL B 3 -5.97 17.96 8.03
N GLY B 4 -4.70 17.73 8.33
CA GLY B 4 -3.72 18.80 8.33
C GLY B 4 -2.31 18.28 8.45
N GLN B 5 -1.35 19.21 8.39
CA GLN B 5 0.07 18.91 8.51
C GLN B 5 0.33 17.93 9.64
N ASP B 6 1.03 16.83 9.32
CA ASP B 6 1.52 15.86 10.30
C ASP B 6 0.43 15.01 10.95
N LYS B 7 -0.77 15.00 10.39
CA LYS B 7 -1.78 14.04 10.81
C LYS B 7 -1.65 12.77 9.98
N VAL B 8 -1.96 11.63 10.58
CA VAL B 8 -2.09 10.39 9.82
C VAL B 8 -3.56 10.23 9.42
N VAL B 9 -3.79 10.17 8.12
CA VAL B 9 -5.13 10.25 7.54
C VAL B 9 -5.45 8.96 6.81
N THR B 10 -6.62 8.39 7.06
CA THR B 10 -7.09 7.22 6.33
C THR B 10 -8.21 7.60 5.38
N ILE B 11 -8.06 7.25 4.11
CA ILE B 11 -9.10 7.55 3.12
C ILE B 11 -9.54 6.29 2.40
N ARG B 12 -10.82 6.26 2.02
CA ARG B 12 -11.28 5.30 1.01
C ARG B 12 -11.44 6.09 -0.27
N TYR B 13 -11.02 5.52 -1.39
CA TYR B 13 -11.06 6.28 -2.64
C TYR B 13 -11.45 5.39 -3.80
N THR B 14 -12.03 6.03 -4.81
CA THR B 14 -12.21 5.43 -6.13
C THR B 14 -11.59 6.41 -7.12
N LEU B 15 -10.78 5.90 -8.04
CA LEU B 15 -10.17 6.73 -9.06
C LEU B 15 -10.76 6.42 -10.44
N GLN B 16 -11.27 7.46 -11.09
CA GLN B 16 -11.70 7.35 -12.47
C GLN B 16 -10.91 8.29 -13.37
N VAL B 17 -10.61 7.82 -14.57
CA VAL B 17 -10.03 8.66 -15.61
C VAL B 17 -10.86 8.45 -16.87
N GLU B 18 -11.35 9.55 -17.44
CA GLU B 18 -12.24 9.48 -18.61
C GLU B 18 -13.45 8.56 -18.37
N GLY B 19 -13.96 8.55 -17.15
CA GLY B 19 -15.15 7.77 -16.84
C GLY B 19 -14.87 6.30 -16.60
N GLU B 20 -13.60 5.92 -16.56
CA GLU B 20 -13.22 4.53 -16.34
C GLU B 20 -12.61 4.33 -14.98
N VAL B 21 -13.11 3.35 -14.23
CA VAL B 21 -12.57 3.07 -12.91
C VAL B 21 -11.21 2.39 -13.01
N LEU B 22 -10.17 3.07 -12.54
CA LEU B 22 -8.81 2.53 -12.61
C LEU B 22 -8.38 1.86 -11.32
N ASP B 23 -8.90 2.35 -10.21
CA ASP B 23 -8.46 1.85 -8.91
C ASP B 23 -9.49 2.20 -7.85
N GLN B 24 -9.48 1.41 -6.77
CA GLN B 24 -10.39 1.60 -5.66
C GLN B 24 -9.76 0.95 -4.45
N GLY B 25 -9.74 1.64 -3.32
CA GLY B 25 -9.18 1.03 -2.14
C GLY B 25 -9.21 1.92 -0.92
N GLU B 26 -8.36 1.56 0.04
CA GLU B 26 -8.26 2.29 1.29
C GLU B 26 -6.79 2.43 1.63
N LEU B 27 -6.40 3.61 2.11
CA LEU B 27 -5.00 3.91 2.37
CA LEU B 27 -5.01 3.78 2.49
C LEU B 27 -4.86 4.84 3.57
N SER B 28 -3.78 4.68 4.32
CA SER B 28 -3.39 5.66 5.34
C SER B 28 -2.08 6.29 4.91
N TYR B 29 -1.95 7.60 5.14
CA TYR B 29 -0.75 8.34 4.74
C TYR B 29 -0.49 9.41 5.77
N LEU B 30 0.72 9.95 5.75
CA LEU B 30 1.09 11.07 6.62
C LEU B 30 0.99 12.37 5.83
N HIS B 31 0.07 13.24 6.25
CA HIS B 31 -0.25 14.46 5.51
C HIS B 31 0.84 15.50 5.65
N GLY B 32 1.17 16.17 4.54
CA GLY B 32 2.12 17.26 4.55
C GLY B 32 3.56 16.82 4.35
N HIS B 33 3.73 15.61 3.83
CA HIS B 33 5.07 15.03 3.68
C HIS B 33 5.27 14.45 2.28
N ARG B 34 4.52 14.99 1.32
CA ARG B 34 4.62 14.58 -0.08
C ARG B 34 4.33 13.11 -0.31
N ASN B 35 3.53 12.51 0.56
CA ASN B 35 3.12 11.12 0.34
C ASN B 35 2.22 10.98 -0.89
N LEU B 36 1.31 11.94 -1.08
CA LEU B 36 0.33 11.85 -2.16
C LEU B 36 0.58 12.90 -3.23
N ILE B 37 -0.06 12.75 -4.39
CA ILE B 37 -0.06 13.81 -5.38
C ILE B 37 -0.59 15.09 -4.74
N PRO B 38 0.02 16.24 -5.09
CA PRO B 38 -0.28 17.54 -4.47
C PRO B 38 -1.76 17.89 -4.56
N GLY B 39 -2.36 17.63 -5.72
CA GLY B 39 -3.75 17.98 -5.94
C GLY B 39 -4.70 17.32 -4.95
N LEU B 40 -4.44 16.07 -4.59
CA LEU B 40 -5.35 15.40 -3.66
C LEU B 40 -5.10 15.85 -2.22
N GLU B 41 -3.83 16.06 -1.84
CA GLU B 41 -3.56 16.57 -0.49
C GLU B 41 -4.17 17.95 -0.31
N GLU B 42 -4.14 18.77 -1.35
CA GLU B 42 -4.74 20.09 -1.27
C GLU B 42 -6.25 19.99 -1.09
N ALA B 43 -6.88 19.02 -1.75
CA ALA B 43 -8.32 18.85 -1.62
C ALA B 43 -8.69 18.35 -0.23
N LEU B 44 -7.88 17.44 0.31
CA LEU B 44 -8.12 16.84 1.62
C LEU B 44 -7.89 17.82 2.77
N GLU B 45 -6.97 18.76 2.58
CA GLU B 45 -6.60 19.73 3.63
C GLU B 45 -7.80 20.40 4.31
N GLY B 46 -7.83 20.34 5.64
CA GLY B 46 -8.86 21.02 6.40
C GLY B 46 -10.15 20.24 6.61
N ARG B 47 -10.31 19.11 5.93
CA ARG B 47 -11.56 18.38 6.03
C ARG B 47 -11.65 17.53 7.30
N GLU B 48 -12.84 17.44 7.87
CA GLU B 48 -13.08 16.64 9.07
C GLU B 48 -13.24 15.15 8.74
N GLU B 49 -12.97 14.30 9.73
CA GLU B 49 -13.26 12.87 9.60
CA GLU B 49 -13.24 12.87 9.57
C GLU B 49 -14.71 12.67 9.21
N GLY B 50 -14.98 11.77 8.29
CA GLY B 50 -16.35 11.49 7.91
C GLY B 50 -16.81 12.19 6.65
N GLU B 51 -16.07 13.19 6.19
CA GLU B 51 -16.47 13.91 4.98
C GLU B 51 -16.30 13.04 3.74
N ALA B 52 -17.26 13.15 2.82
CA ALA B 52 -17.13 12.54 1.51
C ALA B 52 -17.14 13.65 0.46
N PHE B 53 -16.39 13.49 -0.61
CA PHE B 53 -16.27 14.55 -1.62
C PHE B 53 -15.65 14.01 -2.90
N GLN B 54 -15.80 14.77 -3.98
CA GLN B 54 -15.11 14.47 -5.23
C GLN B 54 -13.99 15.47 -5.42
N ALA B 55 -12.88 15.00 -5.96
CA ALA B 55 -11.79 15.88 -6.35
C ALA B 55 -11.46 15.62 -7.82
N HIS B 56 -11.42 16.70 -8.59
CA HIS B 56 -11.09 16.60 -10.00
C HIS B 56 -9.72 17.22 -10.18
N VAL B 57 -8.70 16.38 -10.17
CA VAL B 57 -7.32 16.85 -10.13
C VAL B 57 -6.72 16.98 -11.52
N PRO B 58 -6.39 18.21 -11.93
CA PRO B 58 -5.72 18.43 -13.22
C PRO B 58 -4.32 17.81 -13.23
N ALA B 59 -3.82 17.48 -14.40
CA ALA B 59 -2.54 16.76 -14.52
C ALA B 59 -1.39 17.52 -13.87
N GLU B 60 -1.40 18.85 -13.92
CA GLU B 60 -0.32 19.63 -13.31
C GLU B 60 -0.23 19.40 -11.80
N LYS B 61 -1.32 18.93 -11.20
CA LYS B 61 -1.35 18.64 -9.78
C LYS B 61 -1.33 17.13 -9.51
N ALA B 62 -1.09 16.36 -10.56
CA ALA B 62 -1.07 14.91 -10.47
C ALA B 62 0.15 14.36 -11.22
N TYR B 63 -0.07 13.61 -12.30
CA TYR B 63 1.05 12.95 -12.97
C TYR B 63 1.58 13.68 -14.21
N GLY B 64 1.03 14.86 -14.48
CA GLY B 64 1.60 15.76 -15.48
C GLY B 64 1.72 15.21 -16.89
N ALA B 65 2.74 15.65 -17.61
CA ALA B 65 2.93 15.27 -18.99
C ALA B 65 3.42 13.84 -19.11
N THR B 66 4.12 13.37 -18.09
CA THR B 66 4.68 12.02 -18.09
C THR B 66 3.61 10.96 -17.86
N GLY B 67 2.64 11.27 -17.02
CA GLY B 67 1.65 10.29 -16.60
C GLY B 67 2.32 9.20 -15.79
N HIS B 68 1.71 8.02 -15.77
CA HIS B 68 2.32 6.83 -15.20
C HIS B 68 2.03 5.70 -16.17
N PRO B 69 2.98 5.42 -17.07
CA PRO B 69 2.77 4.45 -18.15
C PRO B 69 2.18 3.15 -17.63
N GLY B 70 1.11 2.68 -18.29
CA GLY B 70 0.42 1.48 -17.85
C GLY B 70 -0.78 1.79 -16.99
N ILE B 71 -0.87 3.01 -16.48
CA ILE B 71 -2.00 3.39 -15.63
C ILE B 71 -2.63 4.72 -16.01
N ILE B 72 -1.82 5.78 -16.00
CA ILE B 72 -2.29 7.14 -16.21
C ILE B 72 -1.67 7.72 -17.46
N PRO B 73 -2.50 8.11 -18.44
CA PRO B 73 -2.00 8.73 -19.67
C PRO B 73 -1.42 10.12 -19.40
N PRO B 74 -0.57 10.61 -20.31
CA PRO B 74 -0.12 12.00 -20.28
C PRO B 74 -1.29 12.98 -20.17
N HIS B 75 -1.15 14.02 -19.35
CA HIS B 75 -2.11 15.13 -19.28
C HIS B 75 -3.49 14.74 -18.73
N ALA B 76 -3.57 13.63 -18.00
CA ALA B 76 -4.86 13.13 -17.55
C ALA B 76 -5.40 13.90 -16.35
N THR B 77 -6.71 14.15 -16.36
CA THR B 77 -7.38 14.64 -15.17
C THR B 77 -7.85 13.44 -14.35
N LEU B 78 -7.59 13.48 -13.05
CA LEU B 78 -7.94 12.36 -12.18
C LEU B 78 -9.19 12.69 -11.41
N ASP B 79 -10.22 11.86 -11.54
CA ASP B 79 -11.48 12.09 -10.82
C ASP B 79 -11.57 11.15 -9.63
N PHE B 80 -11.39 11.69 -8.43
CA PHE B 80 -11.44 10.89 -7.21
C PHE B 80 -12.76 11.03 -6.49
N GLN B 81 -13.31 9.90 -6.04
CA GLN B 81 -14.35 9.92 -5.03
C GLN B 81 -13.68 9.53 -3.73
N VAL B 82 -13.81 10.37 -2.71
CA VAL B 82 -13.03 10.18 -1.49
C VAL B 82 -13.91 10.20 -0.24
N GLU B 83 -13.59 9.32 0.71
CA GLU B 83 -14.17 9.40 2.05
C GLU B 83 -13.05 9.52 3.07
N VAL B 84 -13.13 10.51 3.94
CA VAL B 84 -12.15 10.65 5.02
C VAL B 84 -12.57 9.74 6.17
N VAL B 85 -11.88 8.61 6.29
CA VAL B 85 -12.30 7.56 7.24
C VAL B 85 -11.82 7.85 8.65
N LYS B 86 -10.60 8.34 8.77
CA LYS B 86 -10.03 8.56 10.09
C LYS B 86 -8.91 9.59 10.03
N VAL B 87 -8.77 10.37 11.09
CA VAL B 87 -7.67 11.31 11.23
C VAL B 87 -7.13 11.17 12.65
N ARG B 88 -5.83 11.06 12.80
CA ARG B 88 -5.23 11.00 14.13
C ARG B 88 -3.86 11.67 14.12
N GLU B 89 -3.33 11.96 15.31
CA GLU B 89 -1.97 12.48 15.44
C GLU B 89 -0.98 11.41 15.02
N ALA B 90 0.16 11.83 14.47
CA ALA B 90 1.24 10.91 14.12
C ALA B 90 2.08 10.57 15.34
N THR B 91 2.68 9.40 15.34
CA THR B 91 3.62 9.03 16.38
C THR B 91 4.99 9.61 16.03
N PRO B 92 5.90 9.70 17.01
CA PRO B 92 7.23 10.21 16.71
C PRO B 92 7.96 9.46 15.60
N GLU B 93 7.80 8.14 15.55
CA GLU B 93 8.51 7.39 14.52
C GLU B 93 7.89 7.59 13.15
N GLU B 94 6.56 7.78 13.11
CA GLU B 94 5.90 8.11 11.85
C GLU B 94 6.39 9.45 11.32
N LEU B 95 6.48 10.44 12.19
CA LEU B 95 6.97 11.75 11.80
C LEU B 95 8.42 11.68 11.30
N LEU B 96 9.26 10.96 12.03
CA LEU B 96 10.65 10.77 11.63
C LEU B 96 10.75 10.11 10.26
N HIS B 97 10.02 9.02 10.06
CA HIS B 97 10.10 8.27 8.81
C HIS B 97 9.39 8.98 7.67
N GLY B 98 8.48 9.88 8.02
CA GLY B 98 7.71 10.60 7.01
C GLY B 98 6.62 9.75 6.37
N HIS B 99 6.14 8.75 7.09
CA HIS B 99 5.06 7.92 6.57
C HIS B 99 4.19 7.34 7.68
N ALA B 100 3.05 6.78 7.31
CA ALA B 100 2.12 6.16 8.27
C ALA B 100 2.55 4.74 8.67
N HIS B 101 2.25 4.38 9.90
CA HIS B 101 2.49 3.03 10.42
C HIS B 101 1.14 2.39 10.73
N PRO B 102 1.09 1.05 10.77
CA PRO B 102 -0.12 0.39 11.28
C PRO B 102 -0.42 0.79 12.72
N SER B 103 -1.69 0.82 13.11
CA SER B 103 -2.03 1.12 14.49
C SER B 103 -3.33 0.45 14.94
N GLY B 104 -3.62 0.57 16.23
CA GLY B 104 -4.81 -0.03 16.82
C GLY B 104 -4.50 -1.38 17.42
N HIS B 105 -3.43 -2.00 16.93
CA HIS B 105 -3.04 -3.34 17.34
C HIS B 105 -2.31 -3.34 18.69
#